data_4J1L
#
_entry.id   4J1L
#
_cell.length_a   105.380
_cell.length_b   176.830
_cell.length_c   57.360
_cell.angle_alpha   90.000
_cell.angle_beta   90.000
_cell.angle_gamma   90.000
#
_symmetry.space_group_name_H-M   'C 2 2 2'
#
loop_
_entity.id
_entity.type
_entity.pdbx_description
1 polymer 'Tetanus toxin'
2 non-polymer 'ZINC ION'
3 water water
#
_entity_poly.entity_id   1
_entity_poly.type   'polypeptide(L)'
_entity_poly.pdbx_seq_one_letter_code
;PITINNFRYSDPVNNDTIIMMEPPYCKGLDIYYKAFKITDRIWIVPERYEFGTKPEDFNPPSSLIEGASEYYDPNYLRTD
SDKDRFLQTMVKLFNRIKNNVAGEALLDKIINAIPYLGNSYSLLDKFDTNSNSVSFNLLEQDPSGATTKSAMLTNLIIFG
PGPVLNENEVRGIVLRVDNKNYFPCRDGFGSIMQMAFCPEYVPTFDNVIENITSLTIGKSKYFQDPALILMHELIHVLHG
LYGMQVSSHEIIPSKQEIYMQHTYPISAEELFTFGGQDANLISIDIKNDLYEKTLNDYKAIANKLSQVTSCNDPNIDIDS
YKQIYQQKYQFDKDSNGQYIVNEDKFQILYNSIMYGFTEVELGKKFNIKTRLSYFSMNHDPVKIPNLLDDTIYNDTEGFN
IESKDLKSEYKGQNMRVNTNAFRNVD
;
_entity_poly.pdbx_strand_id   A
#
loop_
_chem_comp.id
_chem_comp.type
_chem_comp.name
_chem_comp.formula
ZN non-polymer 'ZINC ION' 'Zn 2'
#
# COMPACT_ATOMS: atom_id res chain seq x y z
N PRO A 1 0.65 8.25 -18.82
CA PRO A 1 -0.23 8.83 -17.77
C PRO A 1 -0.96 7.75 -16.95
N ILE A 2 -1.10 7.92 -15.64
CA ILE A 2 -1.78 6.96 -14.76
C ILE A 2 -3.33 7.06 -14.85
N THR A 3 -4.01 5.96 -15.12
CA THR A 3 -5.45 5.90 -15.12
C THR A 3 -5.90 5.15 -13.84
N ILE A 4 -6.92 5.69 -13.15
CA ILE A 4 -7.60 4.97 -12.08
C ILE A 4 -8.86 4.47 -12.75
N ASN A 5 -9.09 3.16 -12.78
CA ASN A 5 -10.27 2.62 -13.54
C ASN A 5 -11.60 2.77 -12.79
N ASN A 6 -12.71 2.32 -13.41
CA ASN A 6 -14.08 2.46 -12.89
C ASN A 6 -14.71 1.13 -12.97
N PHE A 7 -15.38 0.71 -11.91
CA PHE A 7 -16.16 -0.50 -12.04
C PHE A 7 -17.24 -0.57 -11.00
N ARG A 8 -18.17 -1.47 -11.24
CA ARG A 8 -19.26 -1.64 -10.33
C ARG A 8 -19.01 -3.00 -9.73
N TYR A 9 -19.19 -3.15 -8.43
CA TYR A 9 -18.97 -4.44 -7.83
C TYR A 9 -19.64 -5.63 -8.51
N SER A 10 -20.68 -5.40 -9.29
CA SER A 10 -21.40 -6.54 -9.82
C SER A 10 -21.06 -6.79 -11.28
N ASP A 11 -20.21 -5.94 -11.88
CA ASP A 11 -19.77 -6.15 -13.25
C ASP A 11 -19.15 -7.54 -13.41
N PRO A 12 -19.08 -8.03 -14.66
CA PRO A 12 -18.69 -9.43 -14.73
C PRO A 12 -17.20 -9.49 -14.79
N VAL A 13 -16.60 -10.61 -14.34
CA VAL A 13 -15.15 -10.80 -14.45
C VAL A 13 -14.77 -10.78 -15.91
N ASN A 14 -13.57 -10.29 -16.19
CA ASN A 14 -13.15 -10.15 -17.57
C ASN A 14 -11.71 -10.46 -17.83
N ASN A 15 -11.05 -11.12 -16.90
CA ASN A 15 -9.66 -11.52 -17.12
C ASN A 15 -8.64 -10.42 -17.21
N ASP A 16 -8.99 -9.22 -16.77
CA ASP A 16 -8.19 -8.04 -17.03
C ASP A 16 -8.19 -7.20 -15.78
N THR A 17 -9.37 -6.65 -15.48
CA THR A 17 -9.50 -5.65 -14.44
C THR A 17 -10.41 -6.13 -13.34
N ILE A 18 -11.19 -7.18 -13.64
CA ILE A 18 -12.04 -7.80 -12.62
C ILE A 18 -11.76 -9.29 -12.78
N ILE A 19 -11.43 -9.97 -11.68
CA ILE A 19 -11.09 -11.39 -11.69
C ILE A 19 -11.59 -12.04 -10.40
N MET A 20 -11.45 -13.36 -10.31
CA MET A 20 -11.57 -14.04 -9.05
C MET A 20 -10.13 -14.41 -8.71
N MET A 21 -9.63 -13.86 -7.59
CA MET A 21 -8.25 -13.94 -7.19
C MET A 21 -8.08 -14.89 -6.01
N GLU A 22 -7.07 -15.75 -6.11
CA GLU A 22 -6.64 -16.48 -4.92
C GLU A 22 -5.65 -15.62 -4.18
N PRO A 23 -6.05 -14.99 -3.04
CA PRO A 23 -5.04 -14.09 -2.39
C PRO A 23 -3.78 -14.87 -2.03
N PRO A 24 -2.66 -14.16 -1.92
CA PRO A 24 -1.40 -14.82 -1.64
C PRO A 24 -1.38 -15.74 -0.41
N TYR A 25 -1.96 -15.36 0.74
CA TYR A 25 -2.06 -16.32 1.89
C TYR A 25 -3.02 -17.54 1.71
N CYS A 26 -3.73 -17.55 0.58
CA CYS A 26 -4.53 -18.71 0.13
C CYS A 26 -3.80 -19.54 -0.93
N LYS A 27 -2.54 -19.23 -1.22
CA LYS A 27 -1.89 -19.98 -2.25
C LYS A 27 -2.25 -21.48 -2.14
N GLY A 28 -2.79 -22.04 -3.24
CA GLY A 28 -3.00 -23.48 -3.35
C GLY A 28 -4.17 -24.01 -2.56
N LEU A 29 -4.87 -23.12 -1.85
CA LEU A 29 -6.02 -23.53 -1.05
C LEU A 29 -7.29 -23.39 -1.83
N ASP A 30 -7.19 -22.85 -3.05
CA ASP A 30 -8.31 -22.59 -3.95
C ASP A 30 -9.49 -21.95 -3.26
N ILE A 31 -9.25 -20.77 -2.71
CA ILE A 31 -10.30 -19.85 -2.26
C ILE A 31 -10.13 -18.58 -3.10
N TYR A 32 -11.21 -18.12 -3.71
CA TYR A 32 -11.09 -16.99 -4.65
C TYR A 32 -12.05 -15.90 -4.23
N TYR A 33 -11.64 -14.64 -4.38
CA TYR A 33 -12.53 -13.53 -4.03
C TYR A 33 -12.50 -12.67 -5.23
N LYS A 34 -13.56 -11.88 -5.42
CA LYS A 34 -13.68 -11.07 -6.62
C LYS A 34 -12.75 -9.88 -6.37
N ALA A 35 -11.91 -9.52 -7.34
CA ALA A 35 -10.93 -8.44 -7.16
C ALA A 35 -10.94 -7.48 -8.34
N PHE A 36 -10.44 -6.28 -8.10
CA PHE A 36 -10.54 -5.17 -9.02
C PHE A 36 -9.23 -4.43 -9.08
N LYS A 37 -8.75 -4.29 -10.30
CA LYS A 37 -7.54 -3.59 -10.61
C LYS A 37 -7.79 -2.08 -10.76
N ILE A 38 -7.60 -1.34 -9.67
CA ILE A 38 -7.80 0.13 -9.65
C ILE A 38 -6.83 0.86 -10.59
N THR A 39 -5.64 0.32 -10.67
CA THR A 39 -4.65 0.84 -11.51
C THR A 39 -3.60 -0.27 -11.59
N ASP A 40 -2.66 -0.14 -12.52
CA ASP A 40 -1.66 -1.19 -12.72
C ASP A 40 -0.98 -1.56 -11.42
N ARG A 41 -0.79 -2.85 -11.19
CA ARG A 41 -0.03 -3.37 -10.07
C ARG A 41 -0.67 -3.10 -8.68
N ILE A 42 -1.91 -2.59 -8.68
CA ILE A 42 -2.73 -2.38 -7.46
C ILE A 42 -4.11 -3.01 -7.62
N TRP A 43 -4.47 -3.93 -6.71
CA TRP A 43 -5.81 -4.54 -6.65
C TRP A 43 -6.52 -4.16 -5.42
N ILE A 44 -7.84 -4.05 -5.57
CA ILE A 44 -8.73 -3.90 -4.46
C ILE A 44 -9.55 -5.17 -4.36
N VAL A 45 -9.59 -5.74 -3.16
CA VAL A 45 -10.41 -6.90 -2.91
C VAL A 45 -11.38 -6.50 -1.83
N PRO A 46 -12.64 -6.34 -2.19
CA PRO A 46 -13.53 -5.79 -1.20
C PRO A 46 -13.97 -6.81 -0.17
N GLU A 47 -13.03 -7.29 0.64
CA GLU A 47 -13.43 -8.28 1.63
C GLU A 47 -12.72 -7.89 2.88
N ARG A 48 -13.20 -8.46 3.98
CA ARG A 48 -12.52 -8.35 5.26
C ARG A 48 -11.14 -9.06 5.27
N TYR A 49 -10.16 -8.49 5.96
CA TYR A 49 -8.84 -9.10 6.05
C TYR A 49 -8.91 -10.19 7.11
N GLU A 50 -8.88 -11.43 6.65
CA GLU A 50 -9.16 -12.63 7.46
C GLU A 50 -8.00 -13.60 7.67
N PHE A 51 -6.87 -13.39 6.99
CA PHE A 51 -5.72 -14.28 7.14
C PHE A 51 -5.20 -14.24 8.56
N GLY A 52 -5.12 -15.43 9.17
CA GLY A 52 -4.70 -15.63 10.58
C GLY A 52 -5.70 -15.09 11.60
N THR A 53 -7.00 -15.36 11.41
CA THR A 53 -8.05 -14.86 12.30
C THR A 53 -9.09 -15.95 12.65
N LYS A 54 -9.70 -15.88 13.84
CA LYS A 54 -10.90 -16.68 14.12
C LYS A 54 -12.14 -15.86 13.76
N PRO A 55 -13.24 -16.51 13.37
CA PRO A 55 -14.41 -15.62 13.17
C PRO A 55 -14.91 -14.92 14.45
N GLU A 56 -14.50 -15.40 15.64
CA GLU A 56 -14.85 -14.74 16.92
C GLU A 56 -13.90 -13.62 17.27
N ASP A 57 -12.76 -13.55 16.59
CA ASP A 57 -11.87 -12.37 16.66
C ASP A 57 -12.58 -11.07 16.23
N PHE A 58 -13.72 -11.20 15.55
CA PHE A 58 -14.43 -10.09 14.87
C PHE A 58 -15.55 -9.32 15.66
N ASN A 59 -15.78 -9.72 16.93
CA ASN A 59 -16.73 -9.04 17.85
C ASN A 59 -15.98 -8.25 18.95
N PRO A 60 -16.62 -7.21 19.53
CA PRO A 60 -15.98 -6.52 20.68
C PRO A 60 -15.69 -7.54 21.80
N PRO A 61 -14.54 -7.43 22.46
CA PRO A 61 -14.33 -8.47 23.47
C PRO A 61 -14.83 -8.05 24.88
N SER A 62 -15.78 -8.81 25.45
CA SER A 62 -16.21 -8.66 26.88
C SER A 62 -16.75 -7.30 27.30
N SER A 69 -10.65 3.20 21.94
CA SER A 69 -10.02 3.37 20.63
C SER A 69 -10.49 2.33 19.61
N GLU A 70 -10.35 1.05 19.92
CA GLU A 70 -10.68 -0.03 18.97
C GLU A 70 -12.18 -0.24 18.74
N TYR A 71 -12.64 0.06 17.53
CA TYR A 71 -14.05 -0.15 17.22
C TYR A 71 -14.30 -1.35 16.25
N TYR A 72 -15.24 -2.21 16.64
CA TYR A 72 -15.62 -3.40 15.89
C TYR A 72 -17.02 -3.33 15.24
N ASP A 73 -17.23 -4.19 14.24
CA ASP A 73 -18.53 -4.46 13.63
C ASP A 73 -18.28 -5.63 12.69
N PRO A 74 -18.74 -6.85 13.07
CA PRO A 74 -18.54 -8.05 12.20
C PRO A 74 -19.41 -8.05 10.91
N ASN A 75 -20.31 -7.09 10.74
CA ASN A 75 -21.15 -7.14 9.55
C ASN A 75 -20.84 -6.08 8.54
N TYR A 76 -19.89 -5.23 8.87
CA TYR A 76 -19.33 -4.32 7.89
C TYR A 76 -18.74 -5.18 6.78
N LEU A 77 -19.04 -4.83 5.51
CA LEU A 77 -18.45 -5.41 4.28
C LEU A 77 -18.77 -6.86 4.02
N ARG A 78 -20.05 -7.21 4.11
CA ARG A 78 -20.43 -8.61 3.91
C ARG A 78 -21.40 -8.78 2.76
N THR A 79 -21.94 -7.68 2.24
CA THR A 79 -23.00 -7.74 1.23
C THR A 79 -22.50 -7.22 -0.11
N ASP A 80 -23.28 -7.40 -1.16
CA ASP A 80 -22.83 -6.92 -2.45
C ASP A 80 -22.82 -5.41 -2.42
N SER A 81 -23.81 -4.86 -1.73
CA SER A 81 -24.00 -3.41 -1.60
C SER A 81 -22.89 -2.80 -0.81
N ASP A 82 -22.56 -3.41 0.33
CA ASP A 82 -21.43 -2.98 1.15
C ASP A 82 -20.14 -2.89 0.33
N LYS A 83 -19.80 -4.03 -0.28
CA LYS A 83 -18.67 -4.19 -1.18
C LYS A 83 -18.66 -3.20 -2.35
N ASP A 84 -19.82 -2.83 -2.86
CA ASP A 84 -19.83 -1.89 -3.98
C ASP A 84 -19.56 -0.44 -3.52
N ARG A 85 -20.16 -0.10 -2.41
CA ARG A 85 -19.90 1.14 -1.74
C ARG A 85 -18.39 1.32 -1.42
N PHE A 86 -17.75 0.25 -0.95
CA PHE A 86 -16.36 0.26 -0.55
C PHE A 86 -15.50 0.48 -1.79
N LEU A 87 -15.92 -0.11 -2.88
CA LEU A 87 -15.12 -0.09 -4.10
C LEU A 87 -15.16 1.29 -4.73
N GLN A 88 -16.38 1.86 -4.86
CA GLN A 88 -16.56 3.22 -5.38
C GLN A 88 -15.82 4.24 -4.50
N THR A 89 -15.89 4.04 -3.19
CA THR A 89 -15.12 4.86 -2.28
C THR A 89 -13.61 4.86 -2.51
N MET A 90 -13.04 3.67 -2.66
CA MET A 90 -11.63 3.51 -2.93
C MET A 90 -11.28 4.16 -4.26
N VAL A 91 -12.17 4.07 -5.24
CA VAL A 91 -11.96 4.66 -6.56
C VAL A 91 -11.85 6.17 -6.41
N LYS A 92 -12.67 6.72 -5.53
CA LYS A 92 -12.69 8.15 -5.36
C LYS A 92 -11.42 8.58 -4.62
N LEU A 93 -11.03 7.80 -3.60
CA LEU A 93 -9.86 8.14 -2.82
C LEU A 93 -8.59 8.09 -3.71
N PHE A 94 -8.52 7.12 -4.63
CA PHE A 94 -7.40 7.06 -5.57
C PHE A 94 -7.43 8.23 -6.54
N ASN A 95 -8.61 8.61 -7.03
CA ASN A 95 -8.71 9.83 -7.86
C ASN A 95 -8.32 11.05 -7.13
N ARG A 96 -8.70 11.15 -5.85
CA ARG A 96 -8.30 12.32 -5.04
C ARG A 96 -6.77 12.43 -4.87
N ILE A 97 -6.13 11.32 -4.58
CA ILE A 97 -4.66 11.22 -4.55
C ILE A 97 -4.02 11.64 -5.89
N LYS A 98 -4.44 11.01 -6.98
CA LYS A 98 -3.90 11.26 -8.33
C LYS A 98 -4.10 12.67 -8.83
N ASN A 99 -5.17 13.34 -8.45
CA ASN A 99 -5.45 14.72 -8.92
C ASN A 99 -4.55 15.81 -8.39
N ASN A 100 -3.84 15.58 -7.30
CA ASN A 100 -2.74 16.43 -6.90
C ASN A 100 -1.39 15.86 -7.41
N VAL A 101 -0.56 16.68 -8.04
CA VAL A 101 0.75 16.16 -8.50
C VAL A 101 1.66 15.45 -7.46
N ALA A 102 1.63 15.86 -6.19
CA ALA A 102 2.36 15.14 -5.16
C ALA A 102 1.82 13.71 -5.01
N GLY A 103 0.52 13.52 -5.00
CA GLY A 103 0.01 12.21 -4.72
C GLY A 103 0.18 11.32 -5.92
N GLU A 104 0.15 11.90 -7.10
CA GLU A 104 0.37 11.08 -8.24
C GLU A 104 1.85 10.64 -8.45
N ALA A 105 2.81 11.43 -7.96
CA ALA A 105 4.20 10.99 -7.91
C ALA A 105 4.31 9.81 -6.95
N LEU A 106 3.56 9.85 -5.86
CA LEU A 106 3.53 8.72 -4.95
C LEU A 106 3.06 7.47 -5.70
N LEU A 107 2.06 7.59 -6.54
CA LEU A 107 1.44 6.40 -7.01
C LEU A 107 2.34 5.81 -8.08
N ASP A 108 2.94 6.72 -8.81
CA ASP A 108 3.85 6.39 -9.85
C ASP A 108 5.08 5.66 -9.32
N LYS A 109 5.62 6.14 -8.23
CA LYS A 109 6.70 5.43 -7.59
C LYS A 109 6.28 4.04 -7.04
N ILE A 110 5.07 3.94 -6.49
CA ILE A 110 4.61 2.67 -5.94
C ILE A 110 4.44 1.68 -7.09
N ILE A 111 3.91 2.17 -8.19
CA ILE A 111 3.59 1.32 -9.36
C ILE A 111 4.89 0.83 -10.01
N ASN A 112 5.92 1.65 -9.92
CA ASN A 112 7.09 1.35 -10.65
C ASN A 112 7.99 0.46 -9.84
N ALA A 113 7.76 0.43 -8.53
CA ALA A 113 8.69 -0.22 -7.62
C ALA A 113 8.38 -1.70 -7.56
N ILE A 114 8.57 -2.39 -8.67
CA ILE A 114 8.10 -3.78 -8.73
C ILE A 114 8.97 -4.70 -7.87
N PRO A 115 8.34 -5.65 -7.17
CA PRO A 115 9.07 -6.60 -6.35
C PRO A 115 10.10 -7.39 -7.13
N TYR A 116 11.27 -7.54 -6.58
CA TYR A 116 12.29 -8.34 -7.27
C TYR A 116 11.82 -9.80 -7.45
N LEU A 117 12.07 -10.35 -8.65
CA LEU A 117 11.67 -11.73 -8.97
C LEU A 117 12.54 -12.81 -8.27
N GLY A 118 12.76 -12.63 -6.98
CA GLY A 118 13.51 -13.61 -6.26
C GLY A 118 13.79 -12.99 -4.94
N ASN A 119 14.50 -13.73 -4.10
CA ASN A 119 14.81 -13.22 -2.79
C ASN A 119 16.11 -13.82 -2.23
N SER A 120 16.36 -13.71 -0.94
CA SER A 120 17.62 -14.19 -0.40
C SER A 120 17.77 -15.70 -0.53
N TYR A 121 16.67 -16.41 -0.75
CA TYR A 121 16.69 -17.87 -0.77
C TYR A 121 16.18 -18.45 -2.07
N SER A 122 16.23 -17.63 -3.09
CA SER A 122 15.80 -17.97 -4.41
C SER A 122 17.09 -18.38 -5.11
N LEU A 123 17.00 -19.19 -6.15
CA LEU A 123 18.16 -19.54 -6.97
C LEU A 123 18.82 -18.32 -7.53
N LEU A 124 20.13 -18.18 -7.37
CA LEU A 124 20.77 -16.89 -7.73
C LEU A 124 20.71 -16.47 -9.20
N ASP A 125 20.63 -17.42 -10.13
CA ASP A 125 20.75 -17.09 -11.57
C ASP A 125 19.46 -17.16 -12.34
N LYS A 126 18.36 -17.27 -11.61
CA LYS A 126 17.02 -17.40 -12.17
C LYS A 126 16.10 -16.33 -11.52
N PHE A 127 15.28 -15.71 -12.35
CA PHE A 127 14.19 -14.90 -11.85
C PHE A 127 13.08 -15.87 -11.48
N ASP A 128 12.55 -15.78 -10.27
CA ASP A 128 11.54 -16.71 -9.78
C ASP A 128 10.14 -16.05 -9.54
N THR A 129 9.28 -16.19 -10.56
CA THR A 129 7.90 -15.61 -10.51
C THR A 129 6.93 -16.50 -9.73
N ASN A 130 7.46 -17.36 -8.89
CA ASN A 130 6.62 -18.39 -8.38
C ASN A 130 6.49 -18.43 -6.90
N SER A 131 6.73 -17.34 -6.17
CA SER A 131 6.39 -17.46 -4.79
C SER A 131 5.15 -16.59 -4.61
N ASN A 132 4.49 -16.75 -3.47
CA ASN A 132 3.34 -15.99 -3.18
C ASN A 132 3.73 -14.56 -2.77
N SER A 133 5.04 -14.38 -2.62
CA SER A 133 5.55 -13.10 -2.28
C SER A 133 5.62 -12.19 -3.52
N VAL A 134 5.42 -12.76 -4.72
CA VAL A 134 5.52 -11.99 -5.95
C VAL A 134 4.35 -12.21 -6.91
N SER A 135 3.53 -13.24 -6.65
CA SER A 135 2.46 -13.72 -7.57
C SER A 135 1.20 -14.11 -6.83
N PHE A 136 0.03 -13.87 -7.40
CA PHE A 136 -1.17 -14.55 -6.92
C PHE A 136 -1.75 -15.38 -8.07
N ASN A 137 -2.51 -16.42 -7.73
CA ASN A 137 -3.34 -17.11 -8.72
C ASN A 137 -4.73 -16.48 -8.96
N LEU A 138 -5.24 -16.69 -10.18
CA LEU A 138 -6.57 -16.24 -10.55
C LEU A 138 -7.32 -17.32 -11.31
N LEU A 139 -8.64 -17.18 -11.42
CA LEU A 139 -9.36 -17.97 -12.42
C LEU A 139 -9.52 -17.19 -13.69
N GLU A 140 -9.15 -17.80 -14.80
CA GLU A 140 -9.33 -17.16 -16.08
C GLU A 140 -10.25 -17.97 -16.98
N GLN A 141 -11.01 -17.23 -17.80
CA GLN A 141 -12.08 -17.80 -18.60
C GLN A 141 -11.65 -17.81 -20.05
N ASP A 142 -11.18 -18.97 -20.49
CA ASP A 142 -10.69 -19.24 -21.83
C ASP A 142 -11.72 -18.89 -22.94
N PRO A 143 -11.23 -18.37 -24.08
CA PRO A 143 -12.09 -18.25 -25.26
C PRO A 143 -12.80 -19.56 -25.63
N SER A 144 -12.25 -20.71 -25.23
CA SER A 144 -12.90 -22.02 -25.50
C SER A 144 -14.07 -22.41 -24.55
N GLY A 145 -14.27 -21.69 -23.44
CA GLY A 145 -15.33 -22.01 -22.44
C GLY A 145 -14.79 -22.62 -21.14
N ALA A 146 -13.64 -23.28 -21.24
CA ALA A 146 -12.91 -23.80 -20.11
C ALA A 146 -12.53 -22.67 -19.11
N THR A 147 -12.64 -22.93 -17.79
CA THR A 147 -12.06 -22.09 -16.79
C THR A 147 -10.71 -22.67 -16.30
N THR A 148 -9.63 -21.91 -16.44
CA THR A 148 -8.29 -22.36 -16.06
C THR A 148 -7.79 -21.54 -14.88
N LYS A 149 -6.56 -21.84 -14.45
CA LYS A 149 -5.97 -21.16 -13.33
C LYS A 149 -4.62 -20.67 -13.77
N SER A 150 -4.37 -19.38 -13.60
CA SER A 150 -3.06 -18.79 -13.87
C SER A 150 -2.50 -17.98 -12.75
N ALA A 151 -1.41 -17.30 -13.07
CA ALA A 151 -0.61 -16.64 -12.09
C ALA A 151 -0.38 -15.21 -12.54
N MET A 152 -0.28 -14.28 -11.59
CA MET A 152 -0.01 -12.90 -11.93
C MET A 152 0.94 -12.20 -10.97
N LEU A 153 1.75 -11.29 -11.49
CA LEU A 153 2.64 -10.45 -10.70
C LEU A 153 1.87 -9.21 -10.32
N THR A 154 2.02 -8.80 -9.06
CA THR A 154 1.49 -7.51 -8.63
C THR A 154 2.32 -6.86 -7.57
N ASN A 155 1.97 -5.62 -7.21
CA ASN A 155 2.71 -4.85 -6.22
C ASN A 155 1.97 -4.71 -4.89
N LEU A 156 0.67 -4.47 -4.95
CA LEU A 156 -0.13 -4.16 -3.79
C LEU A 156 -1.56 -4.72 -3.91
N ILE A 157 -2.04 -5.30 -2.81
CA ILE A 157 -3.44 -5.69 -2.78
C ILE A 157 -4.08 -5.09 -1.59
N ILE A 158 -5.16 -4.35 -1.82
CA ILE A 158 -5.85 -3.64 -0.71
C ILE A 158 -7.12 -4.38 -0.36
N PHE A 159 -7.18 -4.88 0.87
CA PHE A 159 -8.40 -5.49 1.45
C PHE A 159 -9.18 -4.48 2.32
N GLY A 160 -10.40 -4.85 2.71
CA GLY A 160 -11.09 -4.12 3.72
C GLY A 160 -10.39 -4.45 5.04
N PRO A 161 -10.96 -4.00 6.18
CA PRO A 161 -10.28 -4.15 7.44
C PRO A 161 -10.35 -5.54 8.00
N GLY A 162 -9.43 -5.82 8.92
CA GLY A 162 -9.55 -6.94 9.86
C GLY A 162 -10.61 -6.69 10.94
N PRO A 163 -10.41 -7.31 12.12
CA PRO A 163 -11.27 -7.15 13.32
C PRO A 163 -11.59 -5.69 13.68
N VAL A 164 -10.53 -4.88 13.81
CA VAL A 164 -10.68 -3.55 14.30
C VAL A 164 -10.79 -2.61 13.13
N LEU A 165 -11.97 -2.04 12.91
CA LEU A 165 -12.29 -1.30 11.68
C LEU A 165 -11.36 -0.10 11.41
N ASN A 166 -11.06 0.63 12.47
CA ASN A 166 -10.37 1.90 12.40
C ASN A 166 -8.91 1.75 12.69
N GLU A 167 -8.30 0.71 12.13
CA GLU A 167 -6.92 0.37 12.42
C GLU A 167 -6.34 -0.32 11.22
N ASN A 168 -5.80 0.45 10.31
CA ASN A 168 -5.27 -0.02 9.06
C ASN A 168 -3.87 -0.58 9.24
N GLU A 169 -3.56 -1.62 8.48
CA GLU A 169 -2.26 -2.24 8.58
C GLU A 169 -1.71 -2.46 7.21
N VAL A 170 -0.39 -2.40 7.09
CA VAL A 170 0.27 -2.77 5.83
C VAL A 170 1.26 -3.86 6.19
N ARG A 171 1.34 -4.92 5.39
CA ARG A 171 2.32 -5.99 5.65
C ARG A 171 2.69 -6.60 4.36
N GLY A 172 4.00 -6.82 4.24
CA GLY A 172 4.59 -7.63 3.18
C GLY A 172 4.29 -9.08 3.38
N ILE A 173 4.42 -9.89 2.35
CA ILE A 173 4.21 -11.32 2.47
C ILE A 173 5.39 -11.97 3.26
N VAL A 174 5.04 -12.78 4.28
CA VAL A 174 5.96 -13.65 5.06
C VAL A 174 6.20 -15.03 4.38
N LEU A 175 7.46 -15.33 4.12
CA LEU A 175 7.82 -16.63 3.62
C LEU A 175 8.39 -17.49 4.76
N ARG A 176 8.01 -18.77 4.80
CA ARG A 176 8.54 -19.72 5.78
C ARG A 176 9.74 -20.41 5.17
N VAL A 177 10.93 -20.14 5.74
CA VAL A 177 12.19 -20.64 5.20
C VAL A 177 13.08 -21.05 6.35
N ASP A 178 13.36 -22.35 6.41
CA ASP A 178 14.19 -22.94 7.45
C ASP A 178 13.64 -22.59 8.84
N ASN A 179 12.32 -22.79 8.98
CA ASN A 179 11.65 -22.65 10.27
C ASN A 179 11.79 -21.23 10.83
N LYS A 180 11.85 -20.26 9.92
CA LYS A 180 11.98 -18.84 10.25
C LYS A 180 10.98 -17.96 9.44
N ASN A 181 10.66 -16.82 10.06
CA ASN A 181 9.85 -15.80 9.43
C ASN A 181 10.77 -14.96 8.54
N TYR A 182 10.54 -14.94 7.23
CA TYR A 182 11.37 -14.10 6.34
C TYR A 182 10.58 -13.11 5.52
N PHE A 183 10.97 -11.85 5.55
CA PHE A 183 10.28 -10.77 4.74
C PHE A 183 11.14 -10.25 3.60
N PRO A 184 10.85 -10.62 2.34
CA PRO A 184 11.61 -9.98 1.25
C PRO A 184 11.38 -8.46 1.15
N CYS A 185 10.43 -7.93 1.93
CA CYS A 185 10.19 -6.48 1.92
C CYS A 185 11.10 -5.79 2.93
N ARG A 186 11.80 -6.58 3.76
CA ARG A 186 12.85 -6.04 4.68
C ARG A 186 14.31 -6.13 4.24
N ASP A 187 14.57 -6.57 3.03
CA ASP A 187 15.81 -7.24 2.71
C ASP A 187 16.19 -6.88 1.22
N GLY A 188 15.45 -5.90 0.72
CA GLY A 188 15.76 -5.23 -0.52
C GLY A 188 14.93 -5.63 -1.69
N PHE A 189 14.37 -6.83 -1.66
CA PHE A 189 13.75 -7.43 -2.88
C PHE A 189 12.36 -6.86 -3.07
N GLY A 190 11.73 -6.57 -1.93
CA GLY A 190 10.33 -6.22 -1.93
C GLY A 190 9.49 -7.48 -2.05
N SER A 191 8.18 -7.30 -1.93
CA SER A 191 7.17 -8.35 -2.14
C SER A 191 5.86 -7.68 -2.55
N ILE A 192 4.87 -8.50 -2.90
CA ILE A 192 3.50 -8.03 -2.85
C ILE A 192 3.34 -7.49 -1.44
N MET A 193 2.74 -6.30 -1.30
CA MET A 193 2.30 -5.73 -0.01
C MET A 193 0.80 -5.85 0.08
N GLN A 194 0.31 -6.07 1.28
CA GLN A 194 -1.11 -6.18 1.44
C GLN A 194 -1.58 -5.15 2.45
N MET A 195 -2.71 -4.54 2.10
CA MET A 195 -3.29 -3.52 2.98
C MET A 195 -4.68 -3.94 3.48
N ALA A 196 -4.88 -3.82 4.78
CA ALA A 196 -6.24 -3.82 5.36
C ALA A 196 -6.72 -2.34 5.63
N PHE A 197 -7.72 -1.92 4.89
CA PHE A 197 -8.05 -0.51 4.84
C PHE A 197 -9.56 -0.23 4.92
N CYS A 198 -9.88 0.77 5.75
CA CYS A 198 -11.25 1.19 6.02
C CYS A 198 -11.38 2.70 5.85
N PRO A 199 -12.04 3.12 4.77
CA PRO A 199 -12.16 4.55 4.45
C PRO A 199 -13.21 5.32 5.29
N GLU A 200 -14.06 4.60 6.00
CA GLU A 200 -15.17 5.26 6.67
C GLU A 200 -14.84 5.77 8.07
N TYR A 201 -13.82 5.18 8.69
CA TYR A 201 -13.54 5.41 10.08
C TYR A 201 -12.15 6.01 10.23
N VAL A 202 -12.10 7.31 10.50
CA VAL A 202 -10.90 8.11 10.46
C VAL A 202 -10.66 8.66 11.85
N PRO A 203 -9.40 9.01 12.19
CA PRO A 203 -9.18 9.49 13.55
C PRO A 203 -9.46 10.99 13.70
N THR A 204 -9.44 11.45 14.97
CA THR A 204 -9.57 12.87 15.29
C THR A 204 -8.43 13.38 16.15
N PHE A 205 -8.29 14.70 16.25
CA PHE A 205 -7.13 15.30 16.89
C PHE A 205 -7.30 16.78 17.12
N ASP A 206 -6.55 17.32 18.09
CA ASP A 206 -6.35 18.76 18.27
C ASP A 206 -4.86 18.96 18.56
N ASN A 207 -4.47 20.21 18.81
CA ASN A 207 -3.07 20.52 19.20
C ASN A 207 -2.81 21.98 19.61
N SER A 220 -11.14 23.23 19.37
CA SER A 220 -10.32 23.20 18.16
C SER A 220 -9.96 21.77 17.70
N LYS A 221 -11.00 20.99 17.33
CA LYS A 221 -10.89 19.56 16.98
C LYS A 221 -11.22 19.21 15.50
N TYR A 222 -10.45 18.28 14.92
CA TYR A 222 -10.44 18.02 13.49
C TYR A 222 -10.54 16.51 13.20
N PHE A 223 -11.10 16.13 12.06
CA PHE A 223 -11.06 14.72 11.73
C PHE A 223 -10.16 14.60 10.54
N GLN A 224 -9.67 13.38 10.29
CA GLN A 224 -8.67 13.22 9.30
C GLN A 224 -9.33 13.03 7.91
N ASP A 225 -8.65 13.46 6.86
CA ASP A 225 -9.12 13.18 5.53
C ASP A 225 -8.64 11.76 5.16
N PRO A 226 -9.59 10.87 4.82
CA PRO A 226 -9.27 9.49 4.50
C PRO A 226 -8.27 9.30 3.36
N ALA A 227 -8.18 10.23 2.43
CA ALA A 227 -7.19 10.15 1.37
C ALA A 227 -5.79 10.22 1.98
N LEU A 228 -5.61 11.01 3.03
CA LEU A 228 -4.33 11.14 3.68
C LEU A 228 -4.07 9.98 4.61
N ILE A 229 -5.10 9.34 5.17
CA ILE A 229 -4.77 8.05 5.84
C ILE A 229 -4.38 7.00 4.75
N LEU A 230 -4.99 7.05 3.57
CA LEU A 230 -4.66 6.12 2.52
C LEU A 230 -3.18 6.29 2.10
N MET A 231 -2.77 7.55 1.92
CA MET A 231 -1.48 7.86 1.40
C MET A 231 -0.44 7.53 2.48
N HIS A 232 -0.76 7.75 3.74
CA HIS A 232 0.11 7.26 4.80
C HIS A 232 0.37 5.77 4.63
N GLU A 233 -0.68 4.99 4.31
CA GLU A 233 -0.54 3.55 4.15
C GLU A 233 0.24 3.23 2.88
N LEU A 234 0.04 3.99 1.81
CA LEU A 234 0.75 3.76 0.58
C LEU A 234 2.26 4.02 0.79
N ILE A 235 2.62 4.89 1.73
CA ILE A 235 4.04 5.13 2.00
C ILE A 235 4.63 3.90 2.67
N HIS A 236 3.90 3.30 3.61
CA HIS A 236 4.39 2.00 4.11
C HIS A 236 4.59 0.99 3.02
N VAL A 237 3.73 1.06 1.99
CA VAL A 237 3.73 0.11 0.88
C VAL A 237 4.97 0.38 0.01
N LEU A 238 5.22 1.64 -0.32
CA LEU A 238 6.48 2.06 -0.93
C LEU A 238 7.79 1.60 -0.19
N HIS A 239 7.86 1.71 1.13
CA HIS A 239 9.05 1.21 1.87
C HIS A 239 9.20 -0.25 1.60
N GLY A 240 8.08 -0.95 1.64
CA GLY A 240 8.09 -2.38 1.43
C GLY A 240 8.38 -2.86 0.03
N LEU A 241 7.97 -2.11 -0.98
CA LEU A 241 8.26 -2.53 -2.36
C LEU A 241 9.74 -2.37 -2.60
N TYR A 242 10.33 -1.37 -1.96
CA TYR A 242 11.74 -1.13 -2.08
C TYR A 242 12.53 -2.03 -1.13
N GLY A 243 11.84 -2.94 -0.46
CA GLY A 243 12.50 -3.88 0.43
C GLY A 243 13.16 -3.19 1.59
N MET A 244 12.59 -2.02 1.93
CA MET A 244 13.03 -1.14 3.03
C MET A 244 12.08 -0.98 4.20
N GLN A 245 11.10 -1.86 4.36
CA GLN A 245 10.23 -1.86 5.57
C GLN A 245 11.19 -1.90 6.81
N VAL A 246 10.92 -1.05 7.79
CA VAL A 246 11.81 -0.95 8.92
C VAL A 246 11.28 -1.83 10.02
N SER A 247 12.12 -2.78 10.38
CA SER A 247 11.68 -4.05 10.89
C SER A 247 11.10 -3.95 12.29
N SER A 248 12.02 -3.89 13.25
CA SER A 248 11.74 -4.04 14.66
C SER A 248 12.45 -2.88 15.32
N HIS A 249 11.81 -1.71 15.34
CA HIS A 249 12.48 -0.52 15.84
C HIS A 249 11.59 0.40 16.62
N SER A 267 7.46 2.42 16.49
CA SER A 267 8.52 1.81 15.64
C SER A 267 9.06 2.84 14.65
N ALA A 268 10.27 2.65 14.14
CA ALA A 268 10.86 3.66 13.27
C ALA A 268 10.04 3.84 11.98
N GLU A 269 9.59 2.71 11.47
CA GLU A 269 8.83 2.70 10.26
C GLU A 269 7.74 3.77 10.41
N GLU A 270 7.13 3.84 11.58
CA GLU A 270 6.03 4.75 11.75
C GLU A 270 6.45 6.23 11.89
N LEU A 271 7.66 6.44 12.40
CA LEU A 271 8.20 7.80 12.49
C LEU A 271 8.71 8.38 11.14
N PHE A 272 9.33 7.56 10.30
CA PHE A 272 9.79 8.02 9.01
C PHE A 272 8.54 8.37 8.20
N THR A 273 7.54 7.47 8.23
CA THR A 273 6.31 7.61 7.49
C THR A 273 5.56 8.88 7.89
N PHE A 274 5.52 9.17 9.18
CA PHE A 274 4.79 10.34 9.62
C PHE A 274 5.57 11.56 9.13
N GLY A 275 6.89 11.58 9.38
CA GLY A 275 7.77 12.65 8.92
C GLY A 275 7.73 13.71 9.99
N GLY A 276 8.06 14.93 9.61
CA GLY A 276 7.97 16.05 10.53
C GLY A 276 9.15 16.09 11.45
N GLN A 277 8.93 16.58 12.67
CA GLN A 277 9.96 16.51 13.68
C GLN A 277 10.01 15.13 14.32
N ASP A 278 8.97 14.32 14.17
CA ASP A 278 9.03 12.95 14.69
C ASP A 278 10.17 12.15 14.10
N ALA A 279 10.48 12.37 12.82
CA ALA A 279 11.55 11.63 12.16
C ALA A 279 12.85 11.83 12.92
N ASN A 280 12.97 13.01 13.54
CA ASN A 280 14.18 13.41 14.22
C ASN A 280 14.44 12.61 15.51
N LEU A 281 13.45 11.82 15.92
CA LEU A 281 13.59 11.02 17.14
C LEU A 281 14.32 9.67 16.93
N ILE A 282 14.44 9.25 15.67
CA ILE A 282 15.23 8.05 15.38
C ILE A 282 16.66 8.53 15.37
N SER A 283 17.43 8.09 16.35
CA SER A 283 18.77 8.60 16.61
C SER A 283 19.61 8.50 15.35
N ILE A 284 20.59 9.39 15.19
CA ILE A 284 21.54 9.17 14.10
C ILE A 284 22.17 7.77 14.12
N ASP A 285 22.39 7.18 15.29
CA ASP A 285 22.96 5.81 15.38
C ASP A 285 22.11 4.77 14.67
N ILE A 286 20.80 4.81 14.95
CA ILE A 286 19.85 3.97 14.26
C ILE A 286 19.62 4.35 12.81
N LYS A 287 19.69 5.63 12.45
CA LYS A 287 19.52 5.95 11.02
C LYS A 287 20.67 5.33 10.22
N ASN A 288 21.86 5.46 10.78
CA ASN A 288 23.03 4.81 10.23
C ASN A 288 23.05 3.25 10.12
N ASP A 289 22.60 2.51 11.14
CA ASP A 289 22.49 1.06 10.94
C ASP A 289 21.51 0.73 9.87
N LEU A 290 20.38 1.44 9.83
CA LEU A 290 19.34 1.15 8.82
C LEU A 290 19.92 1.45 7.46
N TYR A 291 20.60 2.57 7.32
CA TYR A 291 21.16 2.96 6.04
C TYR A 291 22.23 1.94 5.61
N GLU A 292 23.14 1.58 6.51
CA GLU A 292 24.20 0.61 6.17
C GLU A 292 23.58 -0.76 5.79
N LYS A 293 22.47 -1.08 6.46
CA LYS A 293 21.85 -2.37 6.29
C LYS A 293 21.19 -2.43 4.91
N THR A 294 20.44 -1.41 4.56
CA THR A 294 19.85 -1.35 3.23
C THR A 294 20.97 -1.29 2.17
N LEU A 295 21.98 -0.45 2.37
CA LEU A 295 23.10 -0.36 1.41
C LEU A 295 23.69 -1.74 1.07
N ASN A 296 23.80 -2.55 2.10
CA ASN A 296 24.30 -3.88 2.00
C ASN A 296 23.43 -4.86 1.26
N ASP A 297 22.11 -4.81 1.53
CA ASP A 297 21.14 -5.64 0.78
C ASP A 297 21.14 -5.31 -0.73
N TYR A 298 21.22 -4.00 -1.00
CA TYR A 298 21.23 -3.56 -2.35
C TYR A 298 22.51 -4.10 -2.98
N LYS A 299 23.58 -4.22 -2.19
CA LYS A 299 24.84 -4.66 -2.84
C LYS A 299 24.65 -6.09 -3.19
N ALA A 300 23.95 -6.79 -2.31
CA ALA A 300 23.74 -8.23 -2.44
C ALA A 300 22.84 -8.45 -3.63
N ILE A 301 21.93 -7.50 -3.86
CA ILE A 301 20.98 -7.63 -4.98
C ILE A 301 21.68 -7.27 -6.26
N ALA A 302 22.61 -6.33 -6.17
CA ALA A 302 23.41 -5.96 -7.36
C ALA A 302 24.18 -7.22 -7.80
N ASN A 303 24.68 -7.94 -6.82
CA ASN A 303 25.40 -9.11 -7.18
C ASN A 303 24.47 -10.13 -7.76
N LYS A 304 23.34 -10.36 -7.09
CA LYS A 304 22.34 -11.30 -7.63
C LYS A 304 21.91 -10.96 -9.06
N LEU A 305 21.54 -9.72 -9.33
CA LEU A 305 21.13 -9.32 -10.68
C LEU A 305 22.15 -9.67 -11.77
N SER A 306 23.44 -9.62 -11.45
CA SER A 306 24.50 -9.93 -12.43
C SER A 306 24.50 -11.37 -12.94
N GLN A 307 24.10 -12.32 -12.08
CA GLN A 307 24.12 -13.74 -12.40
C GLN A 307 22.93 -14.26 -13.18
N VAL A 308 21.87 -13.44 -13.31
CA VAL A 308 20.55 -13.92 -13.78
C VAL A 308 20.59 -14.20 -15.24
N THR A 309 20.36 -15.46 -15.59
CA THR A 309 20.43 -15.90 -16.98
C THR A 309 19.19 -16.58 -17.49
N SER A 310 18.22 -16.83 -16.61
CA SER A 310 16.97 -17.46 -17.05
C SER A 310 15.80 -17.19 -16.11
N CYS A 311 14.60 -17.42 -16.62
CA CYS A 311 13.41 -17.38 -15.78
C CYS A 311 12.57 -18.64 -15.91
N ASN A 312 12.03 -19.09 -14.77
CA ASN A 312 11.05 -20.19 -14.69
C ASN A 312 9.76 -19.96 -15.49
N ASP A 313 9.44 -18.69 -15.75
CA ASP A 313 8.23 -18.30 -16.44
C ASP A 313 8.52 -17.78 -17.85
N PRO A 314 8.01 -18.51 -18.86
CA PRO A 314 8.27 -18.23 -20.28
C PRO A 314 7.91 -16.81 -20.68
N ASN A 315 6.95 -16.22 -19.98
CA ASN A 315 6.37 -14.92 -20.37
C ASN A 315 7.21 -13.73 -19.97
N ILE A 316 8.31 -13.97 -19.27
CA ILE A 316 9.11 -12.88 -18.78
C ILE A 316 10.36 -12.58 -19.62
N ASP A 317 10.44 -11.36 -20.15
CA ASP A 317 11.60 -10.94 -20.93
C ASP A 317 12.77 -10.65 -19.99
N ILE A 318 13.72 -11.60 -19.87
CA ILE A 318 14.84 -11.45 -18.94
C ILE A 318 15.47 -10.05 -18.98
N ASP A 319 15.85 -9.58 -20.18
CA ASP A 319 16.61 -8.33 -20.30
C ASP A 319 15.77 -7.08 -19.99
N SER A 320 14.48 -7.14 -20.30
CA SER A 320 13.53 -6.11 -19.92
C SER A 320 13.43 -5.91 -18.37
N TYR A 321 13.39 -7.03 -17.63
CA TYR A 321 13.36 -7.02 -16.16
C TYR A 321 14.69 -6.58 -15.53
N LYS A 322 15.80 -7.01 -16.11
CA LYS A 322 17.07 -6.49 -15.70
C LYS A 322 17.13 -4.95 -15.80
N GLN A 323 16.69 -4.38 -16.92
CA GLN A 323 16.65 -2.93 -17.02
C GLN A 323 15.71 -2.29 -16.00
N ILE A 324 14.53 -2.89 -15.75
CA ILE A 324 13.56 -2.36 -14.75
C ILE A 324 14.17 -2.28 -13.36
N TYR A 325 14.86 -3.34 -12.96
CA TYR A 325 15.56 -3.45 -11.70
C TYR A 325 16.84 -2.61 -11.63
N GLN A 326 17.50 -2.35 -12.73
CA GLN A 326 18.61 -1.43 -12.70
C GLN A 326 18.06 -0.06 -12.38
N GLN A 327 16.95 0.24 -13.01
CA GLN A 327 16.31 1.53 -12.88
C GLN A 327 15.74 1.67 -11.45
N LYS A 328 14.90 0.72 -11.05
CA LYS A 328 14.43 0.66 -9.68
C LYS A 328 15.52 0.77 -8.61
N TYR A 329 16.60 -0.01 -8.70
CA TYR A 329 17.60 0.04 -7.64
C TYR A 329 18.65 1.08 -7.90
N GLN A 330 18.61 1.71 -9.08
CA GLN A 330 19.55 2.78 -9.39
C GLN A 330 20.99 2.23 -9.41
N PHE A 331 21.18 1.10 -10.08
CA PHE A 331 22.48 0.51 -10.16
C PHE A 331 23.24 1.09 -11.34
N ASP A 332 24.57 1.14 -11.23
CA ASP A 332 25.40 1.27 -12.43
C ASP A 332 25.85 -0.11 -12.92
N LYS A 333 26.33 -0.14 -14.15
CA LYS A 333 27.12 -1.22 -14.71
C LYS A 333 28.63 -0.86 -14.67
N ASP A 334 29.49 -1.79 -14.21
CA ASP A 334 30.95 -1.58 -14.32
C ASP A 334 31.45 -1.97 -15.72
N SER A 335 32.76 -1.86 -15.92
CA SER A 335 33.40 -2.20 -17.20
C SER A 335 33.20 -3.69 -17.57
N ASN A 336 33.32 -4.59 -16.58
CA ASN A 336 33.01 -6.04 -16.75
C ASN A 336 31.61 -6.35 -17.36
N GLY A 337 30.57 -5.62 -16.94
CA GLY A 337 29.18 -5.92 -17.33
C GLY A 337 28.31 -6.20 -16.11
N GLN A 338 28.98 -6.34 -14.97
CA GLN A 338 28.45 -6.43 -13.63
C GLN A 338 27.61 -5.17 -13.25
N TYR A 339 26.58 -5.36 -12.41
CA TYR A 339 25.89 -4.25 -11.72
C TYR A 339 26.49 -3.95 -10.36
N ILE A 340 26.66 -2.66 -10.09
CA ILE A 340 27.25 -2.20 -8.82
C ILE A 340 26.41 -1.06 -8.29
N VAL A 341 26.47 -0.88 -6.99
CA VAL A 341 25.80 0.22 -6.34
C VAL A 341 26.69 1.45 -6.48
N ASN A 342 26.22 2.48 -7.14
CA ASN A 342 26.89 3.77 -7.07
C ASN A 342 26.40 4.45 -5.78
N GLU A 343 27.31 4.70 -4.85
CA GLU A 343 26.97 5.21 -3.50
C GLU A 343 26.02 6.46 -3.51
N ASP A 344 26.38 7.50 -4.27
CA ASP A 344 25.62 8.70 -4.28
C ASP A 344 24.21 8.49 -4.84
N LYS A 345 24.07 7.66 -5.86
CA LYS A 345 22.76 7.40 -6.44
C LYS A 345 21.91 6.58 -5.50
N PHE A 346 22.59 5.84 -4.61
CA PHE A 346 21.92 5.01 -3.62
C PHE A 346 21.37 5.95 -2.57
N GLN A 347 22.17 6.93 -2.16
CA GLN A 347 21.87 7.91 -1.12
C GLN A 347 20.65 8.74 -1.54
N ILE A 348 20.59 9.17 -2.82
CA ILE A 348 19.42 9.89 -3.34
C ILE A 348 18.17 9.03 -3.31
N LEU A 349 18.34 7.77 -3.67
CA LEU A 349 17.22 6.87 -3.78
C LEU A 349 16.69 6.61 -2.44
N TYR A 350 17.59 6.34 -1.49
CA TYR A 350 17.25 6.05 -0.10
C TYR A 350 16.51 7.27 0.48
N ASN A 351 17.10 8.43 0.23
CA ASN A 351 16.53 9.65 0.65
C ASN A 351 15.14 9.84 0.13
N SER A 352 14.90 9.53 -1.13
CA SER A 352 13.56 9.79 -1.59
C SER A 352 12.58 8.72 -1.07
N ILE A 353 13.06 7.54 -0.69
CA ILE A 353 12.17 6.52 -0.16
C ILE A 353 11.78 6.74 1.28
N MET A 354 12.69 7.29 2.08
CA MET A 354 12.50 7.46 3.51
C MET A 354 12.04 8.89 3.82
N TYR A 355 12.38 9.83 2.95
CA TYR A 355 12.17 11.22 3.26
C TYR A 355 11.36 11.97 2.23
N GLY A 356 11.37 11.52 0.97
CA GLY A 356 10.54 12.06 -0.13
C GLY A 356 9.01 12.07 0.03
N PHE A 357 8.46 11.16 0.80
CA PHE A 357 7.00 11.09 1.03
C PHE A 357 6.67 10.86 2.50
N THR A 358 6.07 11.84 3.15
CA THR A 358 5.61 11.66 4.53
C THR A 358 4.22 12.21 4.66
N GLU A 359 3.49 11.82 5.72
CA GLU A 359 2.12 12.36 6.00
C GLU A 359 2.12 13.90 6.14
N VAL A 360 3.02 14.42 6.98
CA VAL A 360 3.16 15.85 7.14
C VAL A 360 3.32 16.58 5.80
N GLU A 361 4.21 16.09 4.92
CA GLU A 361 4.40 16.77 3.64
C GLU A 361 3.24 16.62 2.68
N LEU A 362 2.74 15.40 2.55
CA LEU A 362 1.53 15.21 1.73
C LEU A 362 0.34 16.06 2.22
N GLY A 363 0.14 16.17 3.54
CA GLY A 363 -0.88 17.05 4.11
C GLY A 363 -0.70 18.50 3.65
N LYS A 364 0.48 19.03 3.95
CA LYS A 364 0.86 20.28 3.37
C LYS A 364 0.42 20.41 1.94
N LYS A 365 0.84 19.48 1.04
CA LYS A 365 0.71 19.74 -0.43
C LYS A 365 -0.71 19.64 -0.92
N PHE A 366 -1.54 19.00 -0.13
CA PHE A 366 -2.95 18.75 -0.40
C PHE A 366 -3.89 19.70 0.35
N ASN A 367 -3.32 20.53 1.19
CA ASN A 367 -4.11 21.30 2.10
C ASN A 367 -5.02 20.47 3.03
N ILE A 368 -4.43 19.45 3.65
CA ILE A 368 -5.15 18.69 4.65
C ILE A 368 -4.45 18.93 5.97
N LYS A 369 -5.24 19.16 7.02
CA LYS A 369 -4.67 19.45 8.30
C LYS A 369 -4.21 18.17 8.95
N THR A 370 -3.11 18.22 9.68
CA THR A 370 -2.47 17.02 10.25
C THR A 370 -2.24 17.16 11.78
N ARG A 371 -2.15 16.05 12.54
CA ARG A 371 -1.59 16.14 13.92
C ARG A 371 -0.18 16.83 13.84
N LEU A 372 0.39 17.17 14.99
CA LEU A 372 1.81 17.60 15.04
C LEU A 372 2.76 16.40 15.01
N SER A 373 2.45 15.39 15.81
CA SER A 373 3.38 14.32 16.07
C SER A 373 2.62 13.02 16.13
N TYR A 374 3.27 11.92 15.72
CA TYR A 374 2.66 10.58 15.84
C TYR A 374 2.00 10.40 17.22
N PHE A 375 2.62 10.99 18.25
CA PHE A 375 2.22 10.79 19.64
C PHE A 375 1.14 11.78 20.09
N SER A 376 -0.11 11.41 19.87
CA SER A 376 -1.23 12.17 20.37
C SER A 376 -2.21 11.13 20.86
N MET A 377 -2.80 11.38 22.04
CA MET A 377 -3.85 10.51 22.53
C MET A 377 -4.86 10.35 21.39
N ASN A 378 -5.22 9.11 21.08
CA ASN A 378 -6.20 8.87 20.02
C ASN A 378 -7.64 9.10 20.50
N HIS A 379 -8.15 10.30 20.20
CA HIS A 379 -9.54 10.66 20.47
C HIS A 379 -10.45 9.72 19.72
N ASP A 380 -11.64 9.45 20.25
CA ASP A 380 -12.59 8.60 19.53
C ASP A 380 -12.48 8.92 18.03
N PRO A 381 -12.33 7.88 17.20
CA PRO A 381 -12.50 8.16 15.77
C PRO A 381 -13.96 8.61 15.49
N VAL A 382 -14.34 8.76 14.22
CA VAL A 382 -15.70 9.11 13.87
C VAL A 382 -15.95 8.47 12.54
N LYS A 383 -17.23 8.33 12.17
CA LYS A 383 -17.60 7.70 10.91
C LYS A 383 -17.80 8.78 9.83
N ILE A 384 -17.33 8.51 8.61
CA ILE A 384 -17.68 9.35 7.46
C ILE A 384 -18.63 8.64 6.54
N PRO A 385 -19.93 8.79 6.80
CA PRO A 385 -21.00 8.01 6.21
C PRO A 385 -21.16 8.28 4.73
N ASN A 386 -20.70 9.43 4.28
CA ASN A 386 -20.85 9.71 2.86
C ASN A 386 -19.73 10.47 2.12
N LEU A 387 -18.57 9.82 2.01
CA LEU A 387 -17.53 10.24 1.06
C LEU A 387 -18.05 10.26 -0.42
N LEU A 388 -19.16 9.61 -0.66
CA LEU A 388 -19.59 9.47 -2.05
C LEU A 388 -20.31 10.66 -2.63
N ASP A 389 -20.60 11.64 -1.78
CA ASP A 389 -21.39 12.78 -2.20
C ASP A 389 -20.53 14.05 -2.27
N ASP A 390 -20.38 14.57 -3.49
CA ASP A 390 -19.60 15.79 -3.79
C ASP A 390 -19.93 17.07 -2.99
N THR A 391 -20.88 16.99 -2.08
CA THR A 391 -21.30 18.14 -1.29
C THR A 391 -20.64 18.00 0.05
N ILE A 392 -20.21 16.78 0.35
CA ILE A 392 -19.48 16.49 1.56
C ILE A 392 -17.98 16.31 1.26
N TYR A 393 -17.66 15.67 0.15
CA TYR A 393 -16.27 15.27 -0.15
C TYR A 393 -16.15 15.13 -1.64
N ASN A 394 -15.27 15.93 -2.24
CA ASN A 394 -14.91 15.68 -3.66
C ASN A 394 -13.46 15.29 -3.88
N ASP A 395 -13.10 15.02 -5.12
CA ASP A 395 -11.84 14.41 -5.41
C ASP A 395 -10.72 15.40 -5.84
N THR A 396 -10.91 16.70 -5.62
CA THR A 396 -9.91 17.70 -6.01
C THR A 396 -9.59 18.46 -4.79
N GLU A 397 -10.49 18.38 -3.80
CA GLU A 397 -10.40 19.20 -2.58
C GLU A 397 -10.74 18.47 -1.30
N GLY A 398 -11.25 17.25 -1.39
CA GLY A 398 -11.63 16.52 -0.16
C GLY A 398 -12.87 17.11 0.54
N PHE A 399 -12.76 17.27 1.86
CA PHE A 399 -13.78 17.91 2.67
C PHE A 399 -13.64 19.42 2.55
N ASN A 400 -12.44 19.87 2.18
CA ASN A 400 -12.15 21.31 2.19
C ASN A 400 -12.63 22.10 0.97
N ILE A 401 -13.93 22.00 0.72
CA ILE A 401 -14.51 22.55 -0.48
C ILE A 401 -14.71 24.06 -0.34
N GLU A 402 -14.12 24.73 -1.33
CA GLU A 402 -13.97 26.16 -1.36
C GLU A 402 -15.27 26.88 -1.75
N SER A 403 -16.03 26.29 -2.68
CA SER A 403 -17.38 26.73 -2.90
C SER A 403 -18.27 26.73 -1.63
N LYS A 404 -17.88 25.99 -0.60
CA LYS A 404 -18.64 26.02 0.64
C LYS A 404 -17.88 26.86 1.62
N ASP A 405 -16.86 27.54 1.11
CA ASP A 405 -15.97 28.29 1.98
C ASP A 405 -15.47 27.42 3.16
N LEU A 406 -15.06 26.19 2.84
CA LEU A 406 -14.49 25.26 3.79
C LEU A 406 -13.00 24.95 3.51
N LYS A 407 -12.42 25.60 2.50
CA LYS A 407 -10.95 25.56 2.22
C LYS A 407 -10.10 26.18 3.31
N SER A 408 -10.30 27.48 3.51
CA SER A 408 -9.69 28.26 4.57
C SER A 408 -9.62 27.60 5.91
N GLU A 409 -8.44 27.72 6.54
CA GLU A 409 -8.19 27.21 7.87
C GLU A 409 -8.71 25.79 8.04
N TYR A 410 -8.80 25.06 6.92
CA TYR A 410 -9.27 23.68 6.89
C TYR A 410 -10.61 23.53 7.59
N LYS A 411 -11.53 24.44 7.31
CA LYS A 411 -12.83 24.40 8.02
C LYS A 411 -13.59 23.11 7.73
N GLY A 412 -13.44 22.53 6.54
CA GLY A 412 -14.09 21.26 6.12
C GLY A 412 -13.73 20.02 6.93
N GLN A 413 -12.65 20.14 7.69
CA GLN A 413 -12.16 19.11 8.64
C GLN A 413 -12.46 19.45 10.08
N ASN A 414 -12.82 20.72 10.32
CA ASN A 414 -13.17 21.20 11.64
C ASN A 414 -14.50 20.53 12.10
N MET A 415 -14.47 20.02 13.31
CA MET A 415 -15.60 19.32 13.90
C MET A 415 -16.73 20.25 14.42
N ARG A 416 -16.39 21.51 14.65
CA ARG A 416 -17.32 22.49 15.12
C ARG A 416 -17.89 23.24 13.92
N VAL A 417 -17.25 23.15 12.76
CA VAL A 417 -17.76 23.85 11.56
C VAL A 417 -18.48 22.95 10.60
N ASN A 418 -17.81 21.87 10.21
CA ASN A 418 -18.37 20.92 9.24
C ASN A 418 -19.06 19.79 9.99
N THR A 419 -20.20 20.11 10.59
CA THR A 419 -20.90 19.22 11.52
C THR A 419 -21.67 18.10 10.82
N ASN A 420 -22.14 18.32 9.60
CA ASN A 420 -22.79 17.22 8.89
C ASN A 420 -21.87 16.09 8.31
N ALA A 421 -20.59 16.40 8.06
CA ALA A 421 -19.70 15.45 7.40
C ALA A 421 -19.42 14.15 8.18
N PHE A 422 -19.43 14.22 9.52
CA PHE A 422 -19.18 13.06 10.40
C PHE A 422 -20.38 12.68 11.27
N ARG A 423 -20.25 11.55 11.97
CA ARG A 423 -21.24 11.05 12.90
C ARG A 423 -20.44 10.40 13.98
N ASN A 424 -20.93 10.43 15.21
CA ASN A 424 -20.19 9.74 16.26
C ASN A 424 -20.47 8.25 16.28
N VAL A 425 -19.75 7.51 17.11
CA VAL A 425 -19.86 6.06 17.02
C VAL A 425 -20.09 5.39 18.38
N ASP A 426 -20.76 4.24 18.33
CA ASP A 426 -21.25 3.52 19.52
C ASP A 426 -20.70 2.10 19.61
ZN ZN B . 1.39 3.70 9.77
#